data_6QAF
#
_entry.id   6QAF
#
_cell.length_a   90.130
_cell.length_b   90.130
_cell.length_c   69.111
_cell.angle_alpha   90.00
_cell.angle_beta   90.00
_cell.angle_gamma   120.00
#
_symmetry.space_group_name_H-M   'P 3'
#
loop_
_entity.id
_entity.type
_entity.pdbx_description
1 polymer Arginase-1
2 non-polymer 'MANGANESE (II) ION'
3 non-polymer [(~{E})-3-[(3~{S},4~{R})-4-azanyl-1-[(2~{S})-2-azanylpropanoyl]-4-carboxy-pyrrolidin-3-yl]prop-1-enyl]-tris(oxidanyl)boranium
4 non-polymer 'SODIUM ION'
5 water water
#
_entity_poly.entity_id   1
_entity_poly.type   'polypeptide(L)'
_entity_poly.pdbx_seq_one_letter_code
;MGSSHHHHHHSSGLVPRGSHMSAKSRTIGIIGAPFSKGQPRGGVEEGPTVLRKAGLLEKLKEQECDVKDYGDLPFADIPN
DSPFQIVKNPRSVGKASEQLAGKVAEVKKNGRISLVLGGDHSLAIGSISGHARVHPDLGVIWVDAHTDINTPLTTTSGNL
HGQPVSFLLKELKGKIPDVPGFSWVTPCISAKDIVYIGLRDVDPGEHYILKTLGIKYFSMTEVDRLGIGKVMEETLSYLL
GRKKRPIHLSFDVDGLDPSFTPATGTPVVGGLTYREGLYITEEIYKTGLLSGLDIMEVNPSLGKTPEEVTRTVNTAVAIT
LACFGLAREGNHKPIDYLNPPK
;
_entity_poly.pdbx_strand_id   A,B
#
# COMPACT_ATOMS: atom_id res chain seq x y z
N SER A 22 -5.28 41.03 10.77
CA SER A 22 -6.29 42.13 10.90
C SER A 22 -7.54 41.84 10.07
N ALA A 23 -7.35 41.45 8.81
CA ALA A 23 -8.46 41.04 7.95
C ALA A 23 -8.91 39.63 8.34
N LYS A 24 -10.23 39.45 8.48
CA LYS A 24 -10.81 38.19 8.92
C LYS A 24 -10.52 37.03 7.96
N SER A 25 -10.48 37.33 6.66
CA SER A 25 -10.11 36.34 5.63
C SER A 25 -8.59 36.15 5.49
N ARG A 26 -7.80 36.82 6.35
CA ARG A 26 -6.34 36.66 6.39
C ARG A 26 -5.85 36.34 7.82
N THR A 27 -6.75 35.88 8.70
CA THR A 27 -6.42 35.54 10.11
C THR A 27 -6.40 34.02 10.26
N ILE A 28 -5.21 33.45 10.49
CA ILE A 28 -4.99 32.02 10.20
C ILE A 28 -4.40 31.18 11.34
N GLY A 29 -4.94 29.99 11.52
CA GLY A 29 -4.43 29.01 12.47
C GLY A 29 -3.99 27.74 11.76
N ILE A 30 -2.69 27.49 11.75
CA ILE A 30 -2.13 26.37 11.01
C ILE A 30 -2.03 25.14 11.90
N ILE A 31 -2.60 24.03 11.44
CA ILE A 31 -2.49 22.73 12.14
C ILE A 31 -1.87 21.70 11.22
N GLY A 32 -0.77 21.09 11.65
CA GLY A 32 -0.15 20.01 10.89
C GLY A 32 -0.76 18.68 11.32
N ALA A 33 -1.13 17.85 10.35
CA ALA A 33 -1.76 16.57 10.64
C ALA A 33 -0.97 15.45 9.94
N PRO A 34 0.20 15.09 10.50
CA PRO A 34 1.06 14.13 9.84
C PRO A 34 0.55 12.69 10.05
N PHE A 35 -0.45 12.32 9.25
CA PHE A 35 -1.16 11.05 9.42
C PHE A 35 -1.35 10.35 8.08
N SER A 36 -1.12 9.04 8.06
CA SER A 36 -1.19 8.27 6.82
C SER A 36 -2.10 7.04 6.84
N LYS A 37 -2.67 6.67 7.99
CA LYS A 37 -3.29 5.34 8.10
C LYS A 37 -4.70 5.23 7.52
N GLY A 38 -5.22 6.33 6.95
CA GLY A 38 -6.40 6.25 6.09
C GLY A 38 -6.15 5.63 4.72
N GLN A 39 -4.90 5.34 4.39
CA GLN A 39 -4.54 4.73 3.12
C GLN A 39 -3.19 3.97 3.20
N PRO A 40 -2.81 3.23 2.13
CA PRO A 40 -1.68 2.29 2.32
C PRO A 40 -0.29 2.88 2.23
N ARG A 41 -0.12 3.97 1.47
CA ARG A 41 1.21 4.47 1.16
C ARG A 41 1.81 5.36 2.23
N GLY A 42 2.94 4.92 2.76
CA GLY A 42 3.71 5.74 3.64
C GLY A 42 4.25 6.95 2.87
N GLY A 43 4.33 8.05 3.56
CA GLY A 43 4.93 9.22 2.98
C GLY A 43 4.03 10.43 3.12
N VAL A 44 2.71 10.22 3.00
CA VAL A 44 1.76 11.33 3.17
C VAL A 44 1.90 12.01 4.54
N GLU A 45 2.45 11.31 5.52
CA GLU A 45 2.62 11.91 6.84
C GLU A 45 3.67 13.04 6.87
N GLU A 46 4.53 13.08 5.84
CA GLU A 46 5.51 14.14 5.63
C GLU A 46 4.95 15.42 4.93
N GLY A 47 3.71 15.37 4.46
CA GLY A 47 3.09 16.55 3.87
C GLY A 47 3.32 17.83 4.66
N PRO A 48 2.98 17.84 5.97
CA PRO A 48 3.20 19.08 6.72
C PRO A 48 4.65 19.60 6.73
N THR A 49 5.59 18.69 6.93
CA THR A 49 7.03 19.05 6.88
C THR A 49 7.46 19.69 5.57
N VAL A 50 7.11 19.05 4.45
CA VAL A 50 7.54 19.56 3.15
C VAL A 50 6.83 20.88 2.81
N LEU A 51 5.59 21.04 3.22
CA LEU A 51 4.88 22.27 2.96
C LEU A 51 5.48 23.42 3.76
N ARG A 52 5.79 23.15 5.02
CA ARG A 52 6.44 24.11 5.88
C ARG A 52 7.82 24.50 5.34
N LYS A 53 8.62 23.50 4.97
CA LYS A 53 9.97 23.73 4.39
C LYS A 53 9.98 24.53 3.08
N ALA A 54 8.86 24.55 2.35
CA ALA A 54 8.68 25.40 1.17
C ALA A 54 8.42 26.87 1.50
N GLY A 55 8.34 27.22 2.78
CA GLY A 55 8.14 28.61 3.22
C GLY A 55 6.69 29.01 3.37
N LEU A 56 5.80 28.02 3.53
CA LEU A 56 4.36 28.30 3.57
C LEU A 56 4.04 29.40 4.56
N LEU A 57 4.57 29.26 5.77
CA LEU A 57 4.23 30.22 6.84
C LEU A 57 4.77 31.62 6.56
N GLU A 58 5.98 31.71 6.05
CA GLU A 58 6.62 33.00 5.77
C GLU A 58 5.85 33.67 4.63
N LYS A 59 5.52 32.89 3.60
CA LYS A 59 4.80 33.42 2.44
C LYS A 59 3.41 33.93 2.84
N LEU A 60 2.74 33.22 3.73
CA LEU A 60 1.45 33.68 4.24
C LEU A 60 1.64 35.03 4.94
N LYS A 61 2.64 35.14 5.79
CA LYS A 61 2.92 36.41 6.49
C LYS A 61 3.23 37.56 5.51
N GLU A 62 3.97 37.26 4.44
CA GLU A 62 4.32 38.27 3.43
C GLU A 62 3.12 38.96 2.79
N GLN A 63 1.97 38.29 2.76
CA GLN A 63 0.77 38.87 2.15
C GLN A 63 -0.23 39.35 3.21
N GLU A 64 0.29 39.91 4.29
CA GLU A 64 -0.51 40.55 5.32
C GLU A 64 -1.51 39.58 5.97
N CYS A 65 -1.00 38.45 6.45
CA CYS A 65 -1.80 37.51 7.22
C CYS A 65 -1.26 37.41 8.65
N ASP A 66 -2.16 37.31 9.62
CA ASP A 66 -1.80 37.09 11.03
C ASP A 66 -1.77 35.57 11.23
N VAL A 67 -0.56 35.00 11.24
CA VAL A 67 -0.39 33.54 11.19
C VAL A 67 0.06 32.97 12.52
N LYS A 68 -0.73 32.06 13.09
CA LYS A 68 -0.36 31.31 14.28
C LYS A 68 -0.15 29.86 13.88
N ASP A 69 1.02 29.31 14.22
CA ASP A 69 1.29 27.90 13.98
C ASP A 69 1.01 27.12 15.25
N TYR A 70 -0.05 26.30 15.21
CA TYR A 70 -0.42 25.43 16.33
C TYR A 70 0.36 24.10 16.36
N GLY A 71 1.33 23.94 15.46
CA GLY A 71 2.21 22.77 15.44
C GLY A 71 1.61 21.53 14.80
N ASP A 72 2.36 20.44 14.83
CA ASP A 72 1.90 19.18 14.30
C ASP A 72 1.28 18.38 15.43
N LEU A 73 0.06 17.90 15.23
CA LEU A 73 -0.57 17.05 16.23
C LEU A 73 0.24 15.76 16.44
N PRO A 74 0.39 15.33 17.70
CA PRO A 74 1.02 14.05 18.01
C PRO A 74 -0.01 12.94 17.97
N PHE A 75 0.05 12.12 16.93
CA PHE A 75 -0.88 11.02 16.77
C PHE A 75 -0.24 9.76 17.36
N ALA A 76 -0.78 9.30 18.49
CA ALA A 76 -0.27 8.11 19.15
C ALA A 76 -0.46 6.88 18.26
N ASP A 77 0.60 6.07 18.14
CA ASP A 77 0.48 4.77 17.49
C ASP A 77 -0.60 3.97 18.23
N ILE A 78 -1.51 3.36 17.48
CA ILE A 78 -2.46 2.40 18.04
C ILE A 78 -2.10 1.04 17.43
N PRO A 79 -1.16 0.31 18.05
CA PRO A 79 -0.61 -0.93 17.50
C PRO A 79 -1.64 -2.04 17.29
N ASN A 80 -2.65 -2.11 18.15
CA ASN A 80 -3.71 -3.13 18.03
C ASN A 80 -4.90 -2.53 17.30
N ASP A 81 -4.95 -2.78 16.00
CA ASP A 81 -5.96 -2.13 15.20
C ASP A 81 -6.33 -3.01 14.01
N SER A 82 -6.80 -4.22 14.30
CA SER A 82 -7.21 -5.15 13.26
C SER A 82 -8.38 -4.57 12.48
N PRO A 83 -8.52 -4.97 11.21
CA PRO A 83 -9.54 -4.38 10.38
C PRO A 83 -10.95 -4.62 10.92
N PHE A 84 -11.84 -3.67 10.68
CA PHE A 84 -13.27 -3.86 10.83
C PHE A 84 -13.83 -4.32 9.49
N GLN A 85 -14.16 -5.61 9.40
CA GLN A 85 -14.45 -6.25 8.12
C GLN A 85 -13.24 -6.01 7.18
N ILE A 86 -13.39 -5.31 6.05
CA ILE A 86 -12.21 -4.98 5.23
C ILE A 86 -11.67 -3.57 5.46
N VAL A 87 -12.34 -2.80 6.31
CA VAL A 87 -11.91 -1.44 6.65
C VAL A 87 -10.64 -1.45 7.53
N LYS A 88 -9.59 -0.83 7.01
CA LYS A 88 -8.26 -0.90 7.65
C LYS A 88 -8.02 0.24 8.61
N ASN A 89 -7.24 -0.07 9.66
CA ASN A 89 -6.78 0.89 10.67
C ASN A 89 -7.92 1.75 11.24
N PRO A 90 -9.10 1.16 11.48
CA PRO A 90 -10.22 2.01 11.90
C PRO A 90 -9.96 2.82 13.17
N ARG A 91 -9.41 2.20 14.22
CA ARG A 91 -9.17 2.92 15.46
C ARG A 91 -8.14 4.07 15.34
N SER A 92 -7.09 3.86 14.55
CA SER A 92 -6.10 4.89 14.30
C SER A 92 -6.72 6.07 13.56
N VAL A 93 -7.45 5.73 12.52
CA VAL A 93 -8.07 6.75 11.66
C VAL A 93 -9.10 7.54 12.48
N GLY A 94 -9.95 6.83 13.24
CA GLY A 94 -10.96 7.48 14.08
C GLY A 94 -10.35 8.40 15.13
N LYS A 95 -9.34 7.89 15.82
CA LYS A 95 -8.68 8.67 16.85
C LYS A 95 -7.95 9.90 16.29
N ALA A 96 -7.24 9.74 15.18
CA ALA A 96 -6.54 10.88 14.58
C ALA A 96 -7.56 11.99 14.24
N SER A 97 -8.70 11.63 13.66
CA SER A 97 -9.76 12.60 13.35
C SER A 97 -10.41 13.19 14.61
N GLU A 98 -10.65 12.37 15.62
CA GLU A 98 -11.09 12.89 16.91
C GLU A 98 -10.15 13.98 17.43
N GLN A 99 -8.84 13.73 17.42
CA GLN A 99 -7.91 14.74 17.92
C GLN A 99 -7.95 16.00 17.07
N LEU A 100 -7.98 15.80 15.76
CA LEU A 100 -7.99 16.93 14.85
C LEU A 100 -9.25 17.76 15.04
N ALA A 101 -10.40 17.13 15.21
CA ALA A 101 -11.64 17.85 15.45
C ALA A 101 -11.49 18.78 16.65
N GLY A 102 -10.90 18.25 17.71
CA GLY A 102 -10.66 19.06 18.90
C GLY A 102 -9.83 20.29 18.61
N LYS A 103 -8.75 20.11 17.85
CA LYS A 103 -7.82 21.18 17.54
C LYS A 103 -8.44 22.23 16.59
N VAL A 104 -9.19 21.77 15.59
CA VAL A 104 -9.83 22.70 14.66
C VAL A 104 -10.84 23.56 15.41
N ALA A 105 -11.63 22.94 16.30
CA ALA A 105 -12.60 23.70 17.11
C ALA A 105 -11.89 24.77 17.93
N GLU A 106 -10.76 24.42 18.54
CA GLU A 106 -9.97 25.38 19.31
C GLU A 106 -9.56 26.57 18.46
N VAL A 107 -8.98 26.30 17.30
CA VAL A 107 -8.56 27.35 16.36
C VAL A 107 -9.74 28.21 15.96
N LYS A 108 -10.89 27.59 15.68
CA LYS A 108 -12.10 28.33 15.29
C LYS A 108 -12.61 29.23 16.42
N LYS A 109 -12.58 28.72 17.66
CA LYS A 109 -12.93 29.53 18.84
C LYS A 109 -12.00 30.72 19.03
N ASN A 110 -10.75 30.58 18.60
CA ASN A 110 -9.80 31.70 18.66
C ASN A 110 -9.98 32.72 17.54
N GLY A 111 -11.01 32.55 16.72
CA GLY A 111 -11.32 33.50 15.65
C GLY A 111 -10.50 33.38 14.38
N ARG A 112 -9.84 32.24 14.19
CA ARG A 112 -8.95 32.06 13.05
C ARG A 112 -9.51 31.13 12.00
N ILE A 113 -9.01 31.27 10.78
CA ILE A 113 -9.34 30.33 9.73
C ILE A 113 -8.43 29.13 9.95
N SER A 114 -9.01 27.92 10.06
CA SER A 114 -8.23 26.72 10.28
C SER A 114 -7.56 26.27 8.97
N LEU A 115 -6.24 26.11 9.01
CA LEU A 115 -5.49 25.55 7.89
C LEU A 115 -4.87 24.22 8.28
N VAL A 116 -5.49 23.14 7.81
CA VAL A 116 -5.02 21.79 8.06
C VAL A 116 -4.11 21.32 6.92
N LEU A 117 -2.91 20.95 7.32
CA LEU A 117 -1.93 20.38 6.41
C LEU A 117 -1.96 18.87 6.57
N GLY A 118 -2.48 18.19 5.56
CA GLY A 118 -2.46 16.73 5.53
C GLY A 118 -1.12 16.18 5.06
N GLY A 119 -0.94 14.87 5.15
CA GLY A 119 -1.91 13.95 5.72
C GLY A 119 -2.94 13.45 4.72
N ASP A 120 -3.45 12.24 4.96
CA ASP A 120 -4.47 11.67 4.06
C ASP A 120 -5.90 12.19 4.31
N HIS A 121 -6.78 12.03 3.32
CA HIS A 121 -8.06 12.71 3.35
C HIS A 121 -9.07 12.18 4.40
N SER A 122 -8.77 11.05 5.04
CA SER A 122 -9.63 10.58 6.12
C SER A 122 -9.81 11.64 7.19
N LEU A 123 -8.78 12.48 7.34
CA LEU A 123 -8.74 13.53 8.33
C LEU A 123 -9.83 14.58 8.15
N ALA A 124 -10.45 14.63 6.97
CA ALA A 124 -11.55 15.55 6.77
C ALA A 124 -12.70 15.29 7.75
N ILE A 125 -12.84 14.03 8.21
CA ILE A 125 -13.85 13.65 9.19
C ILE A 125 -13.63 14.55 10.42
N GLY A 126 -12.38 14.60 10.88
CA GLY A 126 -12.02 15.48 11.98
C GLY A 126 -12.14 16.95 11.67
N SER A 127 -11.56 17.37 10.55
CA SER A 127 -11.54 18.81 10.23
C SER A 127 -12.93 19.42 10.11
N ILE A 128 -13.79 18.79 9.32
CA ILE A 128 -15.13 19.30 9.14
C ILE A 128 -15.95 19.19 10.45
N SER A 129 -15.81 18.08 11.16
CA SER A 129 -16.50 17.91 12.44
C SER A 129 -16.17 19.02 13.44
N GLY A 130 -14.88 19.31 13.58
CA GLY A 130 -14.39 20.32 14.50
C GLY A 130 -14.89 21.69 14.09
N HIS A 131 -14.77 21.98 12.80
CA HIS A 131 -15.28 23.23 12.24
C HIS A 131 -16.77 23.41 12.54
N ALA A 132 -17.54 22.36 12.25
CA ALA A 132 -18.98 22.40 12.41
C ALA A 132 -19.40 22.61 13.86
N ARG A 133 -18.56 22.20 14.82
CA ARG A 133 -18.84 22.47 16.25
C ARG A 133 -19.01 23.96 16.51
N VAL A 134 -18.19 24.79 15.85
CA VAL A 134 -18.23 26.25 16.06
C VAL A 134 -19.17 26.91 15.04
N HIS A 135 -19.18 26.40 13.81
CA HIS A 135 -20.03 26.97 12.75
C HIS A 135 -20.89 25.88 12.11
N PRO A 136 -21.97 25.48 12.77
CA PRO A 136 -22.82 24.39 12.26
C PRO A 136 -23.49 24.65 10.91
N ASP A 137 -23.53 25.92 10.49
CA ASP A 137 -24.09 26.34 9.19
C ASP A 137 -23.11 26.23 7.99
N LEU A 138 -21.93 25.67 8.21
CA LEU A 138 -20.89 25.69 7.16
C LEU A 138 -21.34 24.97 5.88
N GLY A 139 -20.75 25.36 4.78
CA GLY A 139 -20.96 24.66 3.52
C GLY A 139 -19.60 24.16 3.10
N VAL A 140 -19.57 23.03 2.41
CA VAL A 140 -18.30 22.42 2.05
C VAL A 140 -18.07 22.45 0.54
N ILE A 141 -16.89 22.90 0.13
CA ILE A 141 -16.48 22.67 -1.27
C ILE A 141 -15.35 21.62 -1.25
N TRP A 142 -15.54 20.57 -2.04
CA TRP A 142 -14.68 19.38 -1.97
C TRP A 142 -14.04 19.22 -3.36
N VAL A 143 -12.76 19.53 -3.43
CA VAL A 143 -11.99 19.47 -4.69
C VAL A 143 -11.11 18.21 -4.73
N ASP A 144 -11.36 17.38 -5.73
CA ASP A 144 -10.90 15.99 -5.67
C ASP A 144 -11.24 15.26 -6.97
N ALA A 145 -10.37 14.32 -7.37
CA ALA A 145 -10.70 13.38 -8.45
C ALA A 145 -11.80 12.40 -8.00
N HIS A 146 -11.90 12.23 -6.69
CA HIS A 146 -12.75 11.25 -6.02
C HIS A 146 -13.83 11.88 -5.16
N THR A 147 -14.92 11.14 -4.95
CA THR A 147 -16.03 11.56 -4.09
C THR A 147 -15.79 11.24 -2.62
N ASP A 148 -14.94 10.25 -2.33
CA ASP A 148 -14.56 9.93 -0.95
C ASP A 148 -15.81 9.66 -0.08
N ILE A 149 -16.85 9.11 -0.69
CA ILE A 149 -18.15 8.92 -0.07
C ILE A 149 -18.54 7.45 0.08
N ASN A 150 -17.61 6.54 -0.16
CA ASN A 150 -17.87 5.14 0.21
C ASN A 150 -18.21 5.02 1.68
N THR A 151 -19.14 4.13 2.01
CA THR A 151 -19.36 3.78 3.40
C THR A 151 -18.43 2.63 3.80
N PRO A 152 -18.39 2.29 5.09
CA PRO A 152 -17.66 1.09 5.45
C PRO A 152 -18.17 -0.17 4.77
N LEU A 153 -19.41 -0.14 4.29
CA LEU A 153 -20.00 -1.29 3.64
C LEU A 153 -19.90 -1.27 2.11
N THR A 154 -19.78 -0.11 1.46
CA THR A 154 -19.66 -0.10 0.00
C THR A 154 -18.21 -0.13 -0.48
N THR A 155 -17.28 0.34 0.34
CA THR A 155 -15.85 0.34 -0.02
C THR A 155 -15.40 -1.05 -0.43
N THR A 156 -14.61 -1.10 -1.50
CA THR A 156 -13.90 -2.34 -1.91
C THR A 156 -12.39 -2.31 -1.57
N SER A 157 -11.83 -1.12 -1.36
CA SER A 157 -10.42 -0.96 -0.98
C SER A 157 -10.22 -1.11 0.54
N GLY A 158 -11.23 -0.73 1.32
CA GLY A 158 -11.09 -0.67 2.77
C GLY A 158 -10.28 0.51 3.30
N ASN A 159 -9.84 1.42 2.43
CA ASN A 159 -9.06 2.57 2.86
C ASN A 159 -9.98 3.71 3.24
N LEU A 160 -9.80 4.19 4.46
CA LEU A 160 -10.71 5.18 5.05
C LEU A 160 -10.56 6.59 4.43
N HIS A 161 -9.48 6.86 3.69
CA HIS A 161 -9.45 8.16 2.98
C HIS A 161 -10.47 8.21 1.84
N GLY A 162 -11.04 7.07 1.45
CA GLY A 162 -12.13 7.03 0.47
C GLY A 162 -13.54 7.01 1.03
N GLN A 163 -13.64 7.28 2.33
CA GLN A 163 -14.89 7.24 3.05
C GLN A 163 -15.27 8.47 3.91
N PRO A 164 -14.41 9.51 4.03
CA PRO A 164 -14.81 10.53 5.04
C PRO A 164 -16.22 11.17 4.87
N VAL A 165 -16.67 11.38 3.63
CA VAL A 165 -17.93 12.11 3.40
C VAL A 165 -19.13 11.29 3.94
N SER A 166 -19.05 9.96 3.81
CA SER A 166 -20.11 9.08 4.30
C SER A 166 -20.34 9.26 5.80
N PHE A 167 -19.23 9.48 6.54
CA PHE A 167 -19.29 9.66 8.01
C PHE A 167 -19.91 11.01 8.40
N LEU A 168 -19.78 12.02 7.54
CA LEU A 168 -20.24 13.39 7.85
C LEU A 168 -21.70 13.70 7.50
N LEU A 169 -22.24 12.92 6.58
CA LEU A 169 -23.52 13.21 5.94
C LEU A 169 -24.67 12.68 6.79
N LYS A 170 -25.57 13.58 7.19
CA LYS A 170 -26.70 13.20 8.04
C LYS A 170 -27.60 12.15 7.39
N GLU A 171 -27.80 12.27 6.07
CA GLU A 171 -28.69 11.37 5.34
C GLU A 171 -28.22 9.91 5.34
N LEU A 172 -26.95 9.66 5.66
CA LEU A 172 -26.39 8.30 5.65
C LEU A 172 -26.22 7.73 7.07
N LYS A 173 -26.86 8.37 8.06
CA LYS A 173 -26.63 8.02 9.46
C LYS A 173 -26.80 6.51 9.73
N GLY A 174 -27.97 6.00 9.37
CA GLY A 174 -28.31 4.59 9.55
C GLY A 174 -27.61 3.58 8.64
N LYS A 175 -26.78 4.06 7.71
CA LYS A 175 -25.99 3.18 6.84
C LYS A 175 -24.51 3.06 7.21
N ILE A 176 -24.07 3.78 8.25
CA ILE A 176 -22.71 3.64 8.73
C ILE A 176 -22.76 2.71 9.95
N PRO A 177 -22.10 1.54 9.86
CA PRO A 177 -22.03 0.66 11.04
C PRO A 177 -21.22 1.27 12.15
N ASP A 178 -21.38 0.77 13.37
CA ASP A 178 -20.50 1.17 14.48
C ASP A 178 -19.07 0.66 14.24
N VAL A 179 -18.28 1.49 13.58
CA VAL A 179 -16.86 1.20 13.35
C VAL A 179 -16.03 1.64 14.55
N PRO A 180 -15.23 0.72 15.11
CA PRO A 180 -14.33 1.08 16.20
C PRO A 180 -13.50 2.33 15.88
N GLY A 181 -13.49 3.27 16.80
CA GLY A 181 -12.76 4.53 16.66
C GLY A 181 -13.62 5.73 16.30
N PHE A 182 -14.87 5.48 15.95
CA PHE A 182 -15.74 6.52 15.39
C PHE A 182 -17.03 6.82 16.18
N SER A 183 -17.19 6.26 17.38
CA SER A 183 -18.38 6.51 18.21
C SER A 183 -18.55 7.99 18.61
N TRP A 184 -17.47 8.76 18.54
CA TRP A 184 -17.55 10.21 18.79
C TRP A 184 -18.19 11.01 17.65
N VAL A 185 -18.34 10.41 16.47
CA VAL A 185 -18.80 11.15 15.29
C VAL A 185 -20.30 11.41 15.33
N THR A 186 -20.67 12.66 15.09
CA THR A 186 -22.04 13.03 14.81
C THR A 186 -22.03 13.64 13.43
N PRO A 187 -22.83 13.08 12.49
CA PRO A 187 -22.85 13.70 11.17
C PRO A 187 -23.36 15.12 11.24
N CYS A 188 -22.69 16.02 10.54
CA CYS A 188 -22.85 17.44 10.73
C CYS A 188 -23.17 18.19 9.46
N ILE A 189 -23.29 17.51 8.31
CA ILE A 189 -23.69 18.21 7.10
C ILE A 189 -24.76 17.42 6.39
N SER A 190 -25.60 18.14 5.67
CA SER A 190 -26.63 17.56 4.84
C SER A 190 -26.11 17.51 3.42
N ALA A 191 -26.72 16.63 2.63
CA ALA A 191 -26.44 16.48 1.20
C ALA A 191 -26.40 17.83 0.48
N LYS A 192 -27.27 18.77 0.87
CA LYS A 192 -27.31 20.10 0.22
C LYS A 192 -26.12 21.01 0.56
N ASP A 193 -25.31 20.62 1.54
CA ASP A 193 -24.28 21.49 2.10
C ASP A 193 -22.89 21.23 1.55
N ILE A 194 -22.80 20.41 0.49
CA ILE A 194 -21.51 20.05 -0.12
C ILE A 194 -21.60 20.19 -1.64
N VAL A 195 -20.51 20.68 -2.21
CA VAL A 195 -20.32 20.69 -3.65
C VAL A 195 -18.96 20.08 -4.01
N TYR A 196 -19.01 19.12 -4.92
CA TYR A 196 -17.79 18.50 -5.48
C TYR A 196 -17.33 19.20 -6.75
N ILE A 197 -16.01 19.41 -6.89
CA ILE A 197 -15.41 19.86 -8.15
C ILE A 197 -14.23 18.96 -8.47
N GLY A 198 -14.18 18.42 -9.70
CA GLY A 198 -12.97 17.77 -10.17
C GLY A 198 -13.15 16.26 -10.41
N LEU A 199 -14.35 15.73 -10.17
CA LEU A 199 -14.55 14.27 -10.13
C LEU A 199 -14.24 13.59 -11.45
N ARG A 200 -13.55 12.45 -11.36
CA ARG A 200 -13.21 11.67 -12.52
C ARG A 200 -12.87 10.21 -12.23
N ASP A 201 -12.99 9.77 -10.98
CA ASP A 201 -12.84 8.36 -10.64
C ASP A 201 -13.78 8.05 -9.47
N VAL A 202 -15.02 7.75 -9.82
CA VAL A 202 -16.13 7.57 -8.87
C VAL A 202 -16.58 6.10 -8.92
N ASP A 203 -16.53 5.42 -7.76
CA ASP A 203 -16.92 4.00 -7.70
C ASP A 203 -18.43 3.87 -7.92
N PRO A 204 -18.89 2.73 -8.47
CA PRO A 204 -20.33 2.57 -8.67
C PRO A 204 -21.20 2.85 -7.43
N GLY A 205 -20.83 2.34 -6.25
CA GLY A 205 -21.63 2.63 -5.05
C GLY A 205 -21.69 4.11 -4.70
N GLU A 206 -20.56 4.78 -4.86
CA GLU A 206 -20.46 6.23 -4.65
C GLU A 206 -21.35 6.98 -5.63
N HIS A 207 -21.35 6.58 -6.90
CA HIS A 207 -22.22 7.23 -7.88
C HIS A 207 -23.68 7.02 -7.50
N TYR A 208 -23.99 5.83 -6.99
CA TYR A 208 -25.36 5.55 -6.55
C TYR A 208 -25.75 6.51 -5.43
N ILE A 209 -24.84 6.68 -4.48
CA ILE A 209 -25.09 7.57 -3.37
C ILE A 209 -25.27 9.02 -3.84
N LEU A 210 -24.39 9.45 -4.74
CA LEU A 210 -24.44 10.80 -5.29
C LEU A 210 -25.80 11.12 -5.93
N LYS A 211 -26.30 10.21 -6.74
CA LYS A 211 -27.53 10.42 -7.50
C LYS A 211 -28.73 10.26 -6.60
N THR A 212 -28.64 9.33 -5.64
CA THR A 212 -29.72 9.12 -4.67
C THR A 212 -29.93 10.33 -3.77
N LEU A 213 -28.84 10.88 -3.24
CA LEU A 213 -28.94 12.02 -2.33
C LEU A 213 -29.08 13.36 -3.04
N GLY A 214 -28.90 13.38 -4.36
CA GLY A 214 -29.02 14.62 -5.12
C GLY A 214 -27.91 15.63 -4.82
N ILE A 215 -26.71 15.14 -4.48
CA ILE A 215 -25.59 16.04 -4.16
C ILE A 215 -25.16 16.79 -5.42
N LYS A 216 -24.92 18.08 -5.26
CA LYS A 216 -24.39 18.96 -6.31
C LYS A 216 -22.93 18.64 -6.62
N TYR A 217 -22.64 18.35 -7.89
CA TYR A 217 -21.27 18.05 -8.30
C TYR A 217 -20.96 18.62 -9.67
N PHE A 218 -19.69 18.95 -9.87
CA PHE A 218 -19.10 19.32 -11.17
C PHE A 218 -17.97 18.35 -11.39
N SER A 219 -18.29 17.27 -12.07
CA SER A 219 -17.26 16.31 -12.55
C SER A 219 -16.45 17.01 -13.63
N MET A 220 -15.33 16.39 -14.03
CA MET A 220 -14.55 16.96 -15.15
C MET A 220 -15.41 17.20 -16.39
N THR A 221 -16.44 16.38 -16.61
CA THR A 221 -17.38 16.56 -17.73
C THR A 221 -18.05 17.93 -17.64
N GLU A 222 -18.51 18.26 -16.45
CA GLU A 222 -19.12 19.56 -16.19
C GLU A 222 -18.16 20.70 -16.39
N VAL A 223 -16.94 20.52 -15.90
CA VAL A 223 -15.95 21.57 -16.03
C VAL A 223 -15.64 21.81 -17.50
N ASP A 224 -15.47 20.72 -18.25
CA ASP A 224 -15.27 20.80 -19.68
C ASP A 224 -16.45 21.51 -20.35
N ARG A 225 -17.66 21.15 -19.95
CA ARG A 225 -18.86 21.68 -20.56
C ARG A 225 -18.96 23.17 -20.34
N LEU A 226 -18.80 23.59 -19.09
CA LEU A 226 -19.23 24.92 -18.63
C LEU A 226 -18.08 25.91 -18.51
N GLY A 227 -16.86 25.41 -18.32
CA GLY A 227 -15.71 26.25 -17.98
C GLY A 227 -15.67 26.51 -16.49
N ILE A 228 -14.46 26.68 -15.95
CA ILE A 228 -14.29 26.87 -14.51
C ILE A 228 -15.00 28.12 -14.00
N GLY A 229 -15.13 29.12 -14.88
CA GLY A 229 -15.80 30.37 -14.51
C GLY A 229 -17.23 30.11 -14.11
N LYS A 230 -17.99 29.47 -14.99
CA LYS A 230 -19.37 29.14 -14.69
C LYS A 230 -19.46 28.16 -13.52
N VAL A 231 -18.55 27.20 -13.48
CA VAL A 231 -18.53 26.23 -12.37
C VAL A 231 -18.50 26.97 -11.01
N MET A 232 -17.58 27.91 -10.85
CA MET A 232 -17.45 28.64 -9.58
C MET A 232 -18.63 29.56 -9.31
N GLU A 233 -19.14 30.19 -10.35
CA GLU A 233 -20.35 30.99 -10.18
C GLU A 233 -21.50 30.13 -9.64
N GLU A 234 -21.67 28.96 -10.24
CA GLU A 234 -22.74 28.05 -9.85
C GLU A 234 -22.51 27.45 -8.47
N THR A 235 -21.25 27.17 -8.17
CA THR A 235 -20.92 26.58 -6.89
C THR A 235 -21.25 27.56 -5.77
N LEU A 236 -20.88 28.81 -5.94
CA LEU A 236 -21.04 29.82 -4.87
C LEU A 236 -22.49 30.28 -4.75
N SER A 237 -23.21 30.40 -5.88
CA SER A 237 -24.64 30.76 -5.82
C SER A 237 -25.42 29.66 -5.10
N TYR A 238 -25.09 28.43 -5.42
CA TYR A 238 -25.69 27.26 -4.81
C TYR A 238 -25.48 27.27 -3.30
N LEU A 239 -24.24 27.50 -2.85
CA LEU A 239 -23.93 27.41 -1.42
C LEU A 239 -24.29 28.66 -0.66
N LEU A 240 -24.25 29.81 -1.33
CA LEU A 240 -24.38 31.09 -0.62
C LEU A 240 -25.54 31.97 -1.02
N GLY A 241 -26.30 31.56 -2.05
CA GLY A 241 -27.39 32.36 -2.58
C GLY A 241 -28.40 32.72 -1.51
N ARG A 242 -28.88 31.69 -0.81
CA ARG A 242 -29.88 31.85 0.28
C ARG A 242 -29.39 32.85 1.34
N LYS A 243 -28.27 32.51 1.98
CA LYS A 243 -27.65 33.40 2.96
C LYS A 243 -26.16 33.14 3.03
N LYS A 244 -25.41 34.12 3.49
CA LYS A 244 -23.98 33.94 3.69
C LYS A 244 -23.75 32.98 4.86
N ARG A 245 -22.67 32.22 4.76
CA ARG A 245 -22.26 31.26 5.79
C ARG A 245 -20.85 30.77 5.52
N PRO A 246 -20.19 30.22 6.56
CA PRO A 246 -18.77 29.88 6.46
C PRO A 246 -18.54 28.78 5.44
N ILE A 247 -17.48 28.92 4.66
CA ILE A 247 -17.03 27.91 3.69
C ILE A 247 -15.87 27.07 4.26
N HIS A 248 -16.01 25.74 4.08
CA HIS A 248 -14.92 24.79 4.31
C HIS A 248 -14.48 24.20 2.96
N LEU A 249 -13.27 24.52 2.58
CA LEU A 249 -12.68 23.97 1.35
C LEU A 249 -11.79 22.79 1.78
N SER A 250 -12.17 21.60 1.33
CA SER A 250 -11.33 20.44 1.51
C SER A 250 -10.68 20.13 0.14
N PHE A 251 -9.40 20.47 0.05
CA PHE A 251 -8.62 20.37 -1.18
C PHE A 251 -7.66 19.15 -1.21
N ASP A 252 -8.05 18.14 -1.97
CA ASP A 252 -7.20 16.98 -2.28
C ASP A 252 -6.39 17.36 -3.50
N VAL A 253 -5.08 17.43 -3.33
CA VAL A 253 -4.21 17.75 -4.45
C VAL A 253 -4.39 16.85 -5.65
N ASP A 254 -4.87 15.61 -5.50
CA ASP A 254 -5.16 14.81 -6.70
C ASP A 254 -6.36 15.33 -7.54
N GLY A 255 -7.06 16.36 -7.09
CA GLY A 255 -8.06 17.00 -7.93
C GLY A 255 -7.41 17.67 -9.13
N LEU A 256 -6.24 18.25 -8.93
CA LEU A 256 -5.41 18.72 -10.03
C LEU A 256 -4.78 17.58 -10.81
N ASP A 257 -4.54 17.85 -12.08
CA ASP A 257 -3.98 16.83 -12.96
C ASP A 257 -2.60 16.39 -12.44
N PRO A 258 -2.23 15.11 -12.62
CA PRO A 258 -0.92 14.63 -12.16
C PRO A 258 0.28 15.31 -12.84
N SER A 259 0.06 16.04 -13.93
CA SER A 259 1.13 16.87 -14.48
C SER A 259 1.50 18.08 -13.59
N PHE A 260 0.64 18.44 -12.65
CA PHE A 260 0.90 19.49 -11.65
C PHE A 260 1.19 18.99 -10.22
N THR A 261 0.53 17.90 -9.83
CA THR A 261 0.64 17.36 -8.48
C THR A 261 0.93 15.84 -8.54
N PRO A 262 2.05 15.46 -9.15
CA PRO A 262 2.31 14.02 -9.33
C PRO A 262 2.55 13.25 -8.04
N ALA A 263 3.10 13.94 -7.04
CA ALA A 263 3.52 13.29 -5.79
C ALA A 263 2.33 13.11 -4.83
N THR A 264 1.51 12.12 -5.16
CA THR A 264 0.25 11.86 -4.47
C THR A 264 -0.12 10.40 -4.74
N GLY A 265 -0.94 9.87 -3.85
CA GLY A 265 -1.15 8.43 -3.78
C GLY A 265 -2.11 7.84 -4.80
N THR A 266 -3.10 8.62 -5.23
CA THR A 266 -4.14 8.18 -6.16
C THR A 266 -4.35 9.19 -7.28
N PRO A 267 -3.29 9.38 -8.11
CA PRO A 267 -3.40 10.26 -9.26
C PRO A 267 -4.36 9.71 -10.32
N VAL A 268 -5.05 10.60 -11.01
CA VAL A 268 -5.93 10.24 -12.10
C VAL A 268 -5.77 11.26 -13.20
N VAL A 269 -5.46 10.78 -14.40
CA VAL A 269 -5.19 11.69 -15.51
C VAL A 269 -6.45 12.48 -15.89
N GLY A 270 -6.25 13.57 -16.61
CA GLY A 270 -7.34 14.44 -17.06
C GLY A 270 -7.94 15.33 -15.97
N GLY A 271 -7.11 15.83 -15.08
CA GLY A 271 -7.58 16.64 -13.98
C GLY A 271 -7.65 18.14 -14.26
N LEU A 272 -7.99 18.86 -13.20
CA LEU A 272 -8.05 20.32 -13.19
C LEU A 272 -6.64 20.86 -13.43
N THR A 273 -6.57 21.93 -14.19
CA THR A 273 -5.27 22.53 -14.43
C THR A 273 -4.79 23.35 -13.21
N TYR A 274 -3.53 23.76 -13.24
CA TYR A 274 -2.97 24.67 -12.25
C TYR A 274 -3.76 25.98 -12.22
N ARG A 275 -4.07 26.51 -13.41
CA ARG A 275 -4.87 27.71 -13.56
C ARG A 275 -6.25 27.52 -12.94
N GLU A 276 -6.88 26.39 -13.28
CA GLU A 276 -8.17 26.06 -12.72
C GLU A 276 -8.12 25.95 -11.18
N GLY A 277 -7.07 25.35 -10.64
CA GLY A 277 -6.85 25.31 -9.20
C GLY A 277 -6.81 26.70 -8.56
N LEU A 278 -6.02 27.61 -9.14
CA LEU A 278 -5.94 28.96 -8.64
C LEU A 278 -7.26 29.73 -8.84
N TYR A 279 -7.99 29.46 -9.92
CA TYR A 279 -9.27 30.16 -10.14
C TYR A 279 -10.26 29.83 -9.01
N ILE A 280 -10.39 28.54 -8.75
CA ILE A 280 -11.25 28.04 -7.68
C ILE A 280 -10.99 28.78 -6.35
N THR A 281 -9.72 28.84 -5.98
CA THR A 281 -9.30 29.34 -4.69
C THR A 281 -9.33 30.85 -4.64
N GLU A 282 -9.00 31.51 -5.75
CA GLU A 282 -9.16 32.97 -5.87
C GLU A 282 -10.62 33.37 -5.62
N GLU A 283 -11.53 32.66 -6.25
CA GLU A 283 -12.95 32.96 -6.13
C GLU A 283 -13.50 32.72 -4.73
N ILE A 284 -13.09 31.61 -4.12
CA ILE A 284 -13.42 31.36 -2.72
C ILE A 284 -12.86 32.45 -1.81
N TYR A 285 -11.61 32.83 -2.01
CA TYR A 285 -11.03 33.87 -1.17
C TYR A 285 -11.90 35.10 -1.27
N LYS A 286 -12.30 35.48 -2.48
CA LYS A 286 -13.03 36.75 -2.65
C LYS A 286 -14.45 36.81 -2.05
N THR A 287 -15.03 35.65 -1.68
CA THR A 287 -16.31 35.61 -0.97
C THR A 287 -16.19 36.23 0.43
N GLY A 288 -15.00 36.17 1.01
CA GLY A 288 -14.73 36.62 2.37
C GLY A 288 -15.18 35.63 3.42
N LEU A 289 -15.59 34.45 2.97
CA LEU A 289 -16.31 33.52 3.85
C LEU A 289 -15.51 32.22 4.10
N LEU A 290 -14.28 32.11 3.58
CA LEU A 290 -13.47 30.95 3.88
C LEU A 290 -13.24 30.91 5.38
N SER A 291 -13.52 29.75 5.96
CA SER A 291 -13.47 29.58 7.40
C SER A 291 -12.62 28.37 7.80
N GLY A 292 -12.51 27.41 6.88
CA GLY A 292 -11.77 26.19 7.10
C GLY A 292 -11.13 25.73 5.80
N LEU A 293 -9.87 25.31 5.88
CA LEU A 293 -9.18 24.78 4.70
C LEU A 293 -8.35 23.54 5.03
N ASP A 294 -8.46 22.51 4.18
CA ASP A 294 -7.64 21.34 4.24
C ASP A 294 -6.80 21.25 2.96
N ILE A 295 -5.50 21.05 3.11
CA ILE A 295 -4.60 20.85 1.96
C ILE A 295 -4.06 19.43 2.13
N MET A 296 -4.61 18.50 1.36
CA MET A 296 -4.51 17.07 1.66
C MET A 296 -3.83 16.23 0.59
N GLU A 297 -3.25 15.11 1.04
CA GLU A 297 -2.77 14.02 0.19
C GLU A 297 -1.45 14.31 -0.52
N VAL A 298 -0.70 15.32 -0.07
CA VAL A 298 0.65 15.50 -0.62
C VAL A 298 1.56 14.39 -0.05
N ASN A 299 2.16 13.60 -0.93
CA ASN A 299 3.01 12.46 -0.50
C ASN A 299 4.33 12.57 -1.22
N PRO A 300 5.28 13.26 -0.58
CA PRO A 300 6.55 13.50 -1.26
C PRO A 300 7.32 12.22 -1.67
N SER A 301 7.13 11.11 -0.94
CA SER A 301 7.79 9.83 -1.27
C SER A 301 7.40 9.23 -2.62
N LEU A 302 6.31 9.73 -3.20
CA LEU A 302 5.75 9.20 -4.41
C LEU A 302 6.09 10.03 -5.66
N GLY A 303 6.92 11.06 -5.52
CA GLY A 303 7.51 11.70 -6.69
C GLY A 303 8.50 10.76 -7.37
N LYS A 304 8.44 10.65 -8.69
CA LYS A 304 9.39 9.86 -9.47
C LYS A 304 10.78 10.47 -9.45
N THR A 305 10.85 11.79 -9.25
CA THR A 305 12.10 12.55 -9.18
C THR A 305 11.95 13.66 -8.14
N PRO A 306 13.08 14.25 -7.70
CA PRO A 306 13.03 15.45 -6.87
C PRO A 306 12.19 16.59 -7.44
N GLU A 307 12.25 16.82 -8.75
CA GLU A 307 11.48 17.89 -9.35
C GLU A 307 9.97 17.61 -9.24
N GLU A 308 9.55 16.34 -9.33
CA GLU A 308 8.12 16.00 -9.13
C GLU A 308 7.66 16.36 -7.73
N VAL A 309 8.55 16.23 -6.74
CA VAL A 309 8.19 16.61 -5.38
C VAL A 309 8.02 18.13 -5.27
N THR A 310 9.04 18.88 -5.69
CA THR A 310 8.94 20.34 -5.57
C THR A 310 7.78 20.89 -6.42
N ARG A 311 7.54 20.32 -7.60
CA ARG A 311 6.40 20.70 -8.45
C ARG A 311 5.07 20.53 -7.71
N THR A 312 4.92 19.39 -7.04
CA THR A 312 3.73 19.11 -6.24
C THR A 312 3.56 20.05 -5.06
N VAL A 313 4.64 20.21 -4.29
CA VAL A 313 4.63 21.04 -3.12
C VAL A 313 4.44 22.51 -3.53
N ASN A 314 5.08 22.96 -4.61
CA ASN A 314 4.92 24.37 -5.03
C ASN A 314 3.48 24.67 -5.45
N THR A 315 2.86 23.69 -6.09
CA THR A 315 1.50 23.82 -6.54
C THR A 315 0.61 23.93 -5.31
N ALA A 316 0.80 23.03 -4.33
CA ALA A 316 0.03 23.09 -3.09
C ALA A 316 0.18 24.42 -2.37
N VAL A 317 1.40 24.95 -2.33
CA VAL A 317 1.62 26.21 -1.67
C VAL A 317 0.90 27.31 -2.43
N ALA A 318 1.03 27.31 -3.76
CA ALA A 318 0.32 28.29 -4.61
C ALA A 318 -1.22 28.34 -4.39
N ILE A 319 -1.83 27.15 -4.31
CA ILE A 319 -3.25 26.96 -4.05
C ILE A 319 -3.60 27.57 -2.70
N THR A 320 -2.76 27.28 -1.69
CA THR A 320 -3.00 27.78 -0.34
C THR A 320 -2.91 29.30 -0.32
N LEU A 321 -1.90 29.85 -0.97
CA LEU A 321 -1.73 31.31 -0.92
C LEU A 321 -2.90 32.04 -1.60
N ALA A 322 -3.45 31.46 -2.66
CA ALA A 322 -4.62 32.03 -3.31
C ALA A 322 -5.81 32.09 -2.35
N CYS A 323 -5.92 31.08 -1.48
CA CYS A 323 -7.03 30.97 -0.52
C CYS A 323 -7.03 32.13 0.47
N PHE A 324 -5.83 32.66 0.72
CA PHE A 324 -5.70 33.78 1.64
C PHE A 324 -5.32 35.07 0.94
N GLY A 325 -5.61 35.19 -0.36
CA GLY A 325 -5.69 36.51 -1.01
C GLY A 325 -4.63 36.82 -2.05
N LEU A 326 -3.71 35.90 -2.29
CA LEU A 326 -2.74 36.13 -3.33
C LEU A 326 -3.48 36.04 -4.68
N ALA A 327 -3.43 37.12 -5.46
CA ALA A 327 -4.20 37.22 -6.71
C ALA A 327 -3.28 37.34 -7.90
N ARG A 328 -3.60 36.63 -8.99
CA ARG A 328 -2.78 36.71 -10.20
C ARG A 328 -2.72 38.11 -10.83
N GLU A 329 -3.76 38.92 -10.62
CA GLU A 329 -3.73 40.28 -11.16
C GLU A 329 -2.77 41.20 -10.38
N GLY A 330 -2.35 40.75 -9.20
CA GLY A 330 -1.53 41.57 -8.30
C GLY A 330 -2.28 42.02 -7.05
N ASN A 331 -1.49 42.47 -6.06
CA ASN A 331 -1.96 42.86 -4.74
C ASN A 331 -1.17 44.09 -4.35
N HIS A 332 -1.80 45.02 -3.64
CA HIS A 332 -1.09 46.17 -3.09
C HIS A 332 -1.69 46.56 -1.76
N LYS A 333 -0.86 47.20 -0.93
CA LYS A 333 -1.28 47.69 0.37
C LYS A 333 -1.97 49.03 0.19
N PRO A 334 -2.80 49.44 1.17
CA PRO A 334 -3.53 50.69 1.03
C PRO A 334 -2.65 51.94 1.21
N ILE A 335 -1.80 52.19 0.24
CA ILE A 335 -0.96 53.38 0.20
C ILE A 335 -0.86 53.91 -1.24
N ASP A 336 -0.23 55.06 -1.39
CA ASP A 336 0.05 55.64 -2.71
C ASP A 336 1.46 55.27 -3.14
N TYR A 337 1.58 54.24 -3.99
CA TYR A 337 2.90 53.76 -4.43
C TYR A 337 3.61 54.77 -5.32
N LEU A 338 2.86 55.66 -5.96
CA LEU A 338 3.48 56.75 -6.73
C LEU A 338 4.00 57.88 -5.85
N ASN A 339 3.82 57.73 -4.53
CA ASN A 339 4.54 58.53 -3.53
C ASN A 339 5.32 57.61 -2.59
N SER B 22 -6.78 -37.61 -8.34
CA SER B 22 -6.05 -36.72 -7.39
C SER B 22 -6.61 -35.29 -7.43
N ALA B 23 -6.78 -34.68 -6.25
CA ALA B 23 -7.42 -33.36 -6.12
C ALA B 23 -6.65 -32.26 -6.85
N LYS B 24 -7.34 -31.17 -7.17
CA LYS B 24 -6.69 -30.02 -7.84
C LYS B 24 -5.70 -29.31 -6.91
N SER B 25 -5.95 -29.37 -5.61
CA SER B 25 -5.00 -28.88 -4.61
C SER B 25 -3.97 -29.96 -4.19
N ARG B 26 -3.91 -31.06 -4.96
CA ARG B 26 -2.93 -32.13 -4.76
C ARG B 26 -2.45 -32.73 -6.11
N THR B 27 -2.41 -31.93 -7.17
CA THR B 27 -1.86 -32.36 -8.47
C THR B 27 -0.62 -31.50 -8.73
N ILE B 28 0.52 -32.15 -8.81
CA ILE B 28 1.81 -31.50 -8.50
C ILE B 28 2.86 -31.72 -9.58
N GLY B 29 3.63 -30.67 -9.87
CA GLY B 29 4.76 -30.74 -10.78
C GLY B 29 6.03 -30.24 -10.12
N ILE B 30 6.92 -31.16 -9.76
CA ILE B 30 8.17 -30.83 -9.08
C ILE B 30 9.26 -30.38 -10.06
N ILE B 31 9.83 -29.21 -9.79
CA ILE B 31 10.93 -28.68 -10.58
C ILE B 31 12.10 -28.42 -9.65
N GLY B 32 13.25 -29.02 -9.95
CA GLY B 32 14.48 -28.76 -9.19
C GLY B 32 15.23 -27.60 -9.80
N ALA B 33 15.72 -26.71 -8.94
CA ALA B 33 16.50 -25.58 -9.39
C ALA B 33 17.78 -25.52 -8.57
N PRO B 34 18.76 -26.36 -8.92
CA PRO B 34 19.99 -26.42 -8.15
C PRO B 34 20.91 -25.29 -8.56
N PHE B 35 20.61 -24.10 -8.01
CA PHE B 35 21.30 -22.85 -8.35
C PHE B 35 21.73 -22.09 -7.11
N SER B 36 22.97 -21.60 -7.10
CA SER B 36 23.51 -20.88 -5.96
C SER B 36 24.06 -19.48 -6.22
N LYS B 37 24.13 -19.03 -7.47
CA LYS B 37 24.88 -17.80 -7.76
C LYS B 37 24.17 -16.48 -7.42
N GLY B 38 22.95 -16.57 -6.87
CA GLY B 38 22.30 -15.40 -6.29
C GLY B 38 22.86 -14.94 -4.97
N GLN B 39 23.82 -15.70 -4.44
CA GLN B 39 24.44 -15.44 -3.14
C GLN B 39 25.82 -16.16 -3.05
N PRO B 40 26.59 -15.89 -1.97
CA PRO B 40 28.00 -16.30 -1.88
C PRO B 40 28.30 -17.74 -1.47
N ARG B 41 27.40 -18.38 -0.74
CA ARG B 41 27.68 -19.68 -0.13
C ARG B 41 27.25 -20.81 -1.06
N GLY B 42 28.25 -21.47 -1.63
CA GLY B 42 28.02 -22.72 -2.33
C GLY B 42 27.34 -23.75 -1.43
N GLY B 43 26.49 -24.56 -2.03
CA GLY B 43 25.87 -25.66 -1.32
C GLY B 43 24.37 -25.63 -1.40
N VAL B 44 23.80 -24.43 -1.50
CA VAL B 44 22.36 -24.27 -1.71
C VAL B 44 21.90 -24.95 -3.00
N GLU B 45 22.81 -25.21 -3.95
CA GLU B 45 22.44 -25.93 -5.17
C GLU B 45 22.16 -27.42 -4.90
N GLU B 46 22.58 -27.92 -3.72
CA GLU B 46 22.26 -29.29 -3.29
C GLU B 46 20.86 -29.42 -2.68
N GLY B 47 20.16 -28.31 -2.49
CA GLY B 47 18.82 -28.34 -1.87
C GLY B 47 17.87 -29.36 -2.49
N PRO B 48 17.73 -29.34 -3.83
CA PRO B 48 16.86 -30.29 -4.54
C PRO B 48 17.23 -31.74 -4.27
N THR B 49 18.51 -32.05 -4.25
CA THR B 49 18.97 -33.43 -4.04
C THR B 49 18.59 -33.93 -2.65
N VAL B 50 18.95 -33.16 -1.63
CA VAL B 50 18.65 -33.55 -0.23
C VAL B 50 17.15 -33.65 0.05
N LEU B 51 16.38 -32.70 -0.47
CA LEU B 51 14.92 -32.77 -0.31
C LEU B 51 14.36 -34.05 -0.96
N ARG B 52 14.84 -34.39 -2.14
CA ARG B 52 14.44 -35.65 -2.80
C ARG B 52 14.88 -36.88 -1.99
N LYS B 53 16.08 -36.81 -1.44
CA LYS B 53 16.66 -37.93 -0.69
C LYS B 53 16.04 -38.13 0.69
N ALA B 54 15.30 -37.13 1.19
CA ALA B 54 14.45 -37.29 2.39
C ALA B 54 13.09 -37.89 2.05
N GLY B 55 12.88 -38.24 0.79
CA GLY B 55 11.67 -38.93 0.35
C GLY B 55 10.49 -38.04 0.05
N LEU B 56 10.77 -36.80 -0.37
CA LEU B 56 9.69 -35.87 -0.67
C LEU B 56 8.64 -36.44 -1.63
N LEU B 57 9.07 -37.04 -2.75
CA LEU B 57 8.18 -37.55 -3.79
C LEU B 57 7.24 -38.61 -3.23
N GLU B 58 7.84 -39.58 -2.55
CA GLU B 58 7.12 -40.71 -2.02
C GLU B 58 6.13 -40.23 -0.97
N LYS B 59 6.56 -39.31 -0.12
CA LYS B 59 5.69 -38.78 0.94
C LYS B 59 4.52 -37.97 0.38
N LEU B 60 4.74 -37.27 -0.73
CA LEU B 60 3.68 -36.54 -1.42
C LEU B 60 2.69 -37.53 -2.02
N LYS B 61 3.19 -38.63 -2.55
CA LYS B 61 2.34 -39.66 -3.15
C LYS B 61 1.50 -40.40 -2.11
N GLU B 62 2.02 -40.51 -0.89
CA GLU B 62 1.25 -41.12 0.21
C GLU B 62 -0.04 -40.39 0.52
N GLN B 63 -0.04 -39.07 0.38
CA GLN B 63 -1.24 -38.26 0.64
C GLN B 63 -2.00 -37.96 -0.65
N GLU B 64 -2.29 -39.03 -1.40
CA GLU B 64 -3.14 -38.99 -2.61
C GLU B 64 -2.69 -38.11 -3.78
N CYS B 65 -1.62 -37.33 -3.61
CA CYS B 65 -1.19 -36.41 -4.64
C CYS B 65 -0.75 -37.15 -5.90
N ASP B 66 -1.12 -36.61 -7.06
CA ASP B 66 -0.62 -37.08 -8.36
C ASP B 66 0.63 -36.25 -8.69
N VAL B 67 1.79 -36.90 -8.59
CA VAL B 67 3.07 -36.18 -8.56
C VAL B 67 3.97 -36.53 -9.74
N LYS B 68 4.18 -35.56 -10.62
CA LYS B 68 5.12 -35.68 -11.73
C LYS B 68 6.38 -34.90 -11.37
N ASP B 69 7.55 -35.52 -11.59
CA ASP B 69 8.85 -34.86 -11.34
C ASP B 69 9.40 -34.40 -12.68
N TYR B 70 9.42 -33.09 -12.89
CA TYR B 70 9.96 -32.54 -14.13
C TYR B 70 11.50 -32.43 -14.13
N GLY B 71 12.17 -33.08 -13.17
CA GLY B 71 13.63 -33.11 -13.12
C GLY B 71 14.25 -31.83 -12.57
N ASP B 72 15.58 -31.79 -12.55
CA ASP B 72 16.34 -30.58 -12.20
C ASP B 72 16.72 -29.83 -13.46
N LEU B 73 16.42 -28.54 -13.52
CA LEU B 73 16.86 -27.69 -14.61
C LEU B 73 18.38 -27.72 -14.73
N PRO B 74 18.90 -27.94 -15.97
CA PRO B 74 20.32 -27.80 -16.21
C PRO B 74 20.69 -26.33 -16.41
N PHE B 75 21.46 -25.79 -15.47
CA PHE B 75 21.95 -24.41 -15.55
C PHE B 75 23.40 -24.45 -16.03
N ALA B 76 23.66 -23.83 -17.17
CA ALA B 76 25.01 -23.80 -17.75
C ALA B 76 25.78 -22.64 -17.16
N ASP B 77 27.07 -22.85 -16.92
CA ASP B 77 27.93 -21.81 -16.40
C ASP B 77 28.05 -20.66 -17.43
N ILE B 78 28.01 -19.43 -16.94
CA ILE B 78 28.30 -18.25 -17.74
C ILE B 78 29.63 -17.72 -17.23
N PRO B 79 30.74 -18.20 -17.84
CA PRO B 79 32.07 -18.03 -17.25
C PRO B 79 32.51 -16.58 -17.04
N ASN B 80 32.29 -15.73 -18.03
CA ASN B 80 32.58 -14.29 -17.92
C ASN B 80 31.28 -13.56 -17.58
N ASP B 81 31.04 -13.40 -16.29
CA ASP B 81 29.82 -12.74 -15.81
C ASP B 81 30.24 -11.60 -14.91
N SER B 82 30.71 -10.51 -15.52
CA SER B 82 31.23 -9.36 -14.78
C SER B 82 30.11 -8.73 -13.97
N PRO B 83 30.44 -8.20 -12.78
CA PRO B 83 29.33 -7.65 -12.00
C PRO B 83 28.71 -6.42 -12.64
N PHE B 84 27.45 -6.17 -12.31
CA PHE B 84 26.80 -4.89 -12.58
C PHE B 84 26.99 -4.02 -11.36
N GLN B 85 27.86 -3.02 -11.43
CA GLN B 85 28.25 -2.26 -10.23
C GLN B 85 28.72 -3.32 -9.23
N ILE B 86 28.15 -3.37 -8.02
CA ILE B 86 28.47 -4.43 -7.06
C ILE B 86 27.61 -5.69 -7.18
N VAL B 87 26.66 -5.71 -8.10
CA VAL B 87 25.74 -6.84 -8.21
C VAL B 87 26.42 -8.01 -8.93
N LYS B 88 26.55 -9.11 -8.19
CA LYS B 88 27.34 -10.25 -8.61
C LYS B 88 26.54 -11.26 -9.47
N ASN B 89 27.21 -11.79 -10.49
CA ASN B 89 26.68 -12.87 -11.33
C ASN B 89 25.31 -12.54 -11.96
N PRO B 90 25.16 -11.34 -12.51
CA PRO B 90 23.84 -10.95 -13.01
C PRO B 90 23.34 -11.82 -14.17
N ARG B 91 24.21 -12.09 -15.15
CA ARG B 91 23.81 -12.91 -16.30
C ARG B 91 23.37 -14.31 -15.90
N SER B 92 24.10 -14.90 -14.95
CA SER B 92 23.84 -16.25 -14.45
C SER B 92 22.49 -16.27 -13.75
N VAL B 93 22.28 -15.30 -12.87
CA VAL B 93 21.05 -15.24 -12.10
C VAL B 93 19.86 -15.01 -13.04
N GLY B 94 20.01 -14.04 -13.94
CA GLY B 94 18.97 -13.75 -14.94
C GLY B 94 18.64 -14.96 -15.77
N LYS B 95 19.66 -15.64 -16.29
CA LYS B 95 19.44 -16.82 -17.13
C LYS B 95 18.72 -17.94 -16.41
N ALA B 96 19.19 -18.29 -15.21
CA ALA B 96 18.52 -19.30 -14.40
C ALA B 96 17.07 -18.94 -14.14
N SER B 97 16.76 -17.70 -13.80
CA SER B 97 15.34 -17.34 -13.62
C SER B 97 14.57 -17.43 -14.93
N GLU B 98 15.20 -17.05 -16.04
CA GLU B 98 14.53 -17.18 -17.34
C GLU B 98 14.14 -18.62 -17.67
N GLN B 99 15.07 -19.56 -17.52
CA GLN B 99 14.76 -20.97 -17.75
C GLN B 99 13.69 -21.42 -16.78
N LEU B 100 13.80 -21.01 -15.52
CA LEU B 100 12.84 -21.50 -14.52
C LEU B 100 11.45 -21.03 -14.89
N ALA B 101 11.33 -19.76 -15.27
CA ALA B 101 10.06 -19.16 -15.67
C ALA B 101 9.38 -19.97 -16.77
N GLY B 102 10.12 -20.27 -17.83
CA GLY B 102 9.59 -21.10 -18.92
C GLY B 102 9.09 -22.43 -18.39
N LYS B 103 9.90 -23.06 -17.53
CA LYS B 103 9.57 -24.36 -16.98
C LYS B 103 8.33 -24.31 -16.10
N VAL B 104 8.20 -23.27 -15.28
CA VAL B 104 7.01 -23.12 -14.43
C VAL B 104 5.74 -22.89 -15.27
N ALA B 105 5.86 -22.05 -16.30
CA ALA B 105 4.72 -21.77 -17.17
C ALA B 105 4.22 -23.07 -17.82
N GLU B 106 5.14 -23.92 -18.25
CA GLU B 106 4.78 -25.22 -18.81
C GLU B 106 4.04 -26.08 -17.78
N VAL B 107 4.56 -26.14 -16.55
CA VAL B 107 3.97 -26.97 -15.51
C VAL B 107 2.55 -26.54 -15.19
N LYS B 108 2.35 -25.22 -15.11
CA LYS B 108 1.04 -24.62 -14.87
C LYS B 108 0.09 -24.99 -16.02
N LYS B 109 0.58 -24.89 -17.26
CA LYS B 109 -0.19 -25.27 -18.44
C LYS B 109 -0.60 -26.72 -18.46
N ASN B 110 0.18 -27.57 -17.79
CA ASN B 110 -0.20 -28.98 -17.59
C ASN B 110 -1.19 -29.16 -16.42
N GLY B 111 -1.77 -28.07 -15.92
CA GLY B 111 -2.77 -28.12 -14.84
C GLY B 111 -2.23 -28.55 -13.48
N ARG B 112 -0.96 -28.30 -13.25
CA ARG B 112 -0.32 -28.73 -12.01
C ARG B 112 0.07 -27.56 -11.15
N ILE B 113 0.16 -27.81 -9.85
CA ILE B 113 0.78 -26.87 -8.91
C ILE B 113 2.29 -27.02 -9.06
N SER B 114 2.96 -25.90 -9.35
CA SER B 114 4.41 -25.91 -9.50
C SER B 114 5.06 -25.93 -8.13
N LEU B 115 5.97 -26.86 -7.93
CA LEU B 115 6.74 -26.94 -6.69
C LEU B 115 8.21 -26.83 -7.06
N VAL B 116 8.79 -25.67 -6.75
CA VAL B 116 10.19 -25.38 -7.06
C VAL B 116 11.05 -25.66 -5.84
N LEU B 117 12.04 -26.52 -6.04
CA LEU B 117 13.02 -26.84 -5.01
C LEU B 117 14.25 -25.99 -5.30
N GLY B 118 14.51 -25.02 -4.42
CA GLY B 118 15.74 -24.20 -4.47
C GLY B 118 16.93 -24.88 -3.79
N GLY B 119 18.15 -24.33 -3.94
CA GLY B 119 18.41 -23.10 -4.70
C GLY B 119 18.16 -21.83 -3.89
N ASP B 120 18.92 -20.79 -4.20
CA ASP B 120 18.74 -19.50 -3.57
C ASP B 120 17.49 -18.74 -4.08
N HIS B 121 17.11 -17.70 -3.34
CA HIS B 121 15.82 -17.05 -3.51
C HIS B 121 15.74 -16.15 -4.74
N SER B 122 16.87 -15.88 -5.40
CA SER B 122 16.80 -15.09 -6.64
C SER B 122 15.91 -15.82 -7.66
N LEU B 123 15.81 -17.13 -7.50
CA LEU B 123 14.98 -17.98 -8.36
C LEU B 123 13.49 -17.62 -8.30
N ALA B 124 13.03 -16.97 -7.23
CA ALA B 124 11.65 -16.45 -7.19
C ALA B 124 11.34 -15.55 -8.38
N ILE B 125 12.34 -14.81 -8.91
CA ILE B 125 12.11 -13.99 -10.11
C ILE B 125 11.54 -14.87 -11.23
N GLY B 126 12.20 -16.00 -11.50
CA GLY B 126 11.73 -16.97 -12.51
C GLY B 126 10.41 -17.63 -12.15
N SER B 127 10.35 -18.18 -10.94
CA SER B 127 9.19 -18.96 -10.53
C SER B 127 7.90 -18.17 -10.57
N ILE B 128 7.93 -16.97 -10.01
CA ILE B 128 6.75 -16.10 -9.95
C ILE B 128 6.40 -15.54 -11.34
N SER B 129 7.42 -15.15 -12.10
CA SER B 129 7.20 -14.70 -13.48
C SER B 129 6.51 -15.77 -14.33
N GLY B 130 6.98 -17.00 -14.22
CA GLY B 130 6.48 -18.13 -15.02
C GLY B 130 5.06 -18.48 -14.66
N HIS B 131 4.79 -18.51 -13.34
CA HIS B 131 3.45 -18.63 -12.81
C HIS B 131 2.52 -17.51 -13.32
N ALA B 132 2.99 -16.26 -13.31
CA ALA B 132 2.18 -15.09 -13.67
C ALA B 132 1.78 -15.06 -15.15
N ARG B 133 2.58 -15.69 -15.99
CA ARG B 133 2.26 -15.83 -17.41
C ARG B 133 0.91 -16.51 -17.54
N VAL B 134 0.76 -17.63 -16.81
CA VAL B 134 -0.44 -18.46 -16.91
C VAL B 134 -1.56 -17.85 -16.04
N HIS B 135 -1.24 -17.44 -14.80
CA HIS B 135 -2.23 -16.83 -13.90
C HIS B 135 -1.78 -15.44 -13.51
N PRO B 136 -2.05 -14.43 -14.36
CA PRO B 136 -1.58 -13.07 -14.06
C PRO B 136 -2.26 -12.42 -12.86
N ASP B 137 -3.35 -13.02 -12.34
CA ASP B 137 -4.07 -12.48 -11.17
C ASP B 137 -3.56 -13.00 -9.79
N LEU B 138 -2.44 -13.72 -9.80
CA LEU B 138 -1.91 -14.37 -8.59
C LEU B 138 -1.50 -13.40 -7.51
N GLY B 139 -1.58 -13.90 -6.28
CA GLY B 139 -1.21 -13.13 -5.08
C GLY B 139 -0.08 -13.92 -4.45
N VAL B 140 0.84 -13.21 -3.81
CA VAL B 140 2.06 -13.82 -3.29
C VAL B 140 2.07 -13.76 -1.78
N ILE B 141 2.34 -14.89 -1.14
CA ILE B 141 2.73 -14.92 0.27
C ILE B 141 4.23 -15.26 0.32
N TRP B 142 4.99 -14.38 0.98
CA TRP B 142 6.45 -14.42 1.07
C TRP B 142 6.86 -14.64 2.51
N VAL B 143 7.25 -15.86 2.85
CA VAL B 143 7.64 -16.26 4.21
C VAL B 143 9.17 -16.20 4.26
N ASP B 144 9.67 -15.35 5.12
CA ASP B 144 11.08 -14.96 5.08
C ASP B 144 11.46 -14.10 6.30
N ALA B 145 12.74 -14.18 6.69
CA ALA B 145 13.24 -13.25 7.68
C ALA B 145 13.52 -11.87 7.08
N HIS B 146 13.67 -11.86 5.75
CA HIS B 146 14.07 -10.73 4.93
C HIS B 146 12.99 -10.37 3.91
N THR B 147 12.99 -9.11 3.50
CA THR B 147 12.10 -8.60 2.44
C THR B 147 12.50 -8.90 0.99
N ASP B 148 13.81 -9.06 0.76
CA ASP B 148 14.35 -9.47 -0.53
C ASP B 148 13.93 -8.45 -1.60
N ILE B 149 13.90 -7.17 -1.21
CA ILE B 149 13.33 -6.08 -2.05
C ILE B 149 14.33 -4.97 -2.36
N ASN B 150 15.61 -5.19 -2.04
CA ASN B 150 16.64 -4.29 -2.51
C ASN B 150 16.59 -4.29 -4.02
N THR B 151 16.86 -3.11 -4.58
CA THR B 151 17.05 -2.97 -6.03
C THR B 151 18.54 -3.17 -6.33
N PRO B 152 18.90 -3.27 -7.62
CA PRO B 152 20.32 -3.29 -7.98
C PRO B 152 21.11 -2.04 -7.51
N LEU B 153 20.40 -0.94 -7.21
CA LEU B 153 21.04 0.28 -6.77
C LEU B 153 21.02 0.47 -5.27
N THR B 154 20.06 -0.13 -4.55
CA THR B 154 20.03 0.02 -3.08
C THR B 154 20.83 -1.07 -2.37
N THR B 155 21.05 -2.22 -3.02
CA THR B 155 21.74 -3.36 -2.39
C THR B 155 23.11 -2.91 -1.88
N THR B 156 23.48 -3.34 -0.68
CA THR B 156 24.80 -3.10 -0.14
C THR B 156 25.68 -4.34 -0.26
N SER B 157 25.05 -5.49 -0.41
CA SER B 157 25.73 -6.77 -0.52
C SER B 157 26.07 -7.11 -1.96
N GLY B 158 25.23 -6.67 -2.91
CA GLY B 158 25.35 -7.09 -4.29
C GLY B 158 24.87 -8.50 -4.58
N ASN B 159 24.21 -9.15 -3.62
CA ASN B 159 23.71 -10.51 -3.79
C ASN B 159 22.26 -10.47 -4.26
N LEU B 160 22.02 -11.08 -5.41
CA LEU B 160 20.71 -10.99 -6.06
C LEU B 160 19.61 -11.78 -5.35
N HIS B 161 19.96 -12.71 -4.46
CA HIS B 161 18.88 -13.38 -3.68
C HIS B 161 18.18 -12.43 -2.71
N GLY B 162 18.75 -11.22 -2.51
CA GLY B 162 18.12 -10.18 -1.69
C GLY B 162 17.40 -9.09 -2.48
N GLN B 163 17.22 -9.33 -3.77
CA GLN B 163 16.58 -8.39 -4.67
C GLN B 163 15.34 -8.88 -5.50
N PRO B 164 14.94 -10.17 -5.43
CA PRO B 164 13.96 -10.70 -6.42
C PRO B 164 12.68 -9.89 -6.46
N VAL B 165 12.18 -9.48 -5.30
CA VAL B 165 10.90 -8.78 -5.21
C VAL B 165 10.94 -7.44 -5.99
N SER B 166 12.09 -6.76 -5.95
CA SER B 166 12.23 -5.50 -6.69
C SER B 166 12.04 -5.67 -8.20
N PHE B 167 12.49 -6.81 -8.76
CA PHE B 167 12.35 -7.09 -10.20
C PHE B 167 10.91 -7.43 -10.59
N LEU B 168 10.14 -7.89 -9.62
CA LEU B 168 8.79 -8.33 -9.85
C LEU B 168 7.76 -7.21 -9.71
N LEU B 169 8.05 -6.18 -8.92
CA LEU B 169 7.01 -5.20 -8.60
C LEU B 169 6.83 -4.12 -9.66
N LYS B 170 5.59 -3.94 -10.10
CA LYS B 170 5.25 -2.92 -11.10
C LYS B 170 5.59 -1.52 -10.61
N GLU B 171 5.38 -1.23 -9.33
CA GLU B 171 5.65 0.10 -8.78
C GLU B 171 7.14 0.49 -8.73
N LEU B 172 8.03 -0.48 -8.90
CA LEU B 172 9.47 -0.22 -8.98
C LEU B 172 10.02 -0.24 -10.41
N LYS B 173 9.13 -0.24 -11.41
CA LYS B 173 9.53 -0.27 -12.83
C LYS B 173 10.75 0.59 -13.15
N GLY B 174 10.62 1.90 -12.92
CA GLY B 174 11.65 2.85 -13.30
C GLY B 174 12.79 2.99 -12.32
N LYS B 175 12.79 2.19 -11.26
CA LYS B 175 13.90 2.17 -10.32
C LYS B 175 14.84 1.02 -10.57
N ILE B 176 14.50 0.12 -11.50
CA ILE B 176 15.38 -0.99 -11.81
C ILE B 176 16.12 -0.65 -13.10
N PRO B 177 17.45 -0.56 -13.04
CA PRO B 177 18.21 -0.29 -14.25
C PRO B 177 18.27 -1.51 -15.15
N ASP B 178 18.82 -1.33 -16.34
CA ASP B 178 18.98 -2.43 -17.26
C ASP B 178 20.19 -3.26 -16.84
N VAL B 179 19.93 -4.32 -16.08
CA VAL B 179 20.98 -5.22 -15.58
C VAL B 179 21.15 -6.37 -16.58
N PRO B 180 22.40 -6.67 -17.00
CA PRO B 180 22.59 -7.78 -17.93
C PRO B 180 22.03 -9.08 -17.41
N GLY B 181 21.23 -9.75 -18.23
CA GLY B 181 20.60 -11.01 -17.88
C GLY B 181 19.11 -10.91 -17.62
N PHE B 182 18.59 -9.70 -17.44
CA PHE B 182 17.17 -9.51 -17.02
C PHE B 182 16.32 -8.74 -18.02
N SER B 183 16.73 -8.70 -19.28
CA SER B 183 15.96 -7.98 -20.29
C SER B 183 14.64 -8.69 -20.62
N TRP B 184 14.54 -9.97 -20.22
CA TRP B 184 13.32 -10.75 -20.44
C TRP B 184 12.24 -10.44 -19.38
N VAL B 185 12.63 -9.78 -18.30
CA VAL B 185 11.72 -9.56 -17.18
C VAL B 185 10.74 -8.44 -17.46
N THR B 186 9.47 -8.70 -17.14
CA THR B 186 8.43 -7.68 -17.06
C THR B 186 7.80 -7.79 -15.68
N PRO B 187 7.80 -6.69 -14.90
CA PRO B 187 7.17 -6.84 -13.58
C PRO B 187 5.75 -7.35 -13.69
N CYS B 188 5.41 -8.35 -12.89
CA CYS B 188 4.14 -9.06 -13.03
C CYS B 188 3.25 -9.04 -11.80
N ILE B 189 3.68 -8.38 -10.72
CA ILE B 189 2.83 -8.22 -9.53
C ILE B 189 2.84 -6.78 -8.99
N SER B 190 1.68 -6.32 -8.54
CA SER B 190 1.56 -5.02 -7.91
C SER B 190 1.78 -5.13 -6.41
N ALA B 191 2.09 -4.00 -5.80
CA ALA B 191 2.42 -3.92 -4.37
C ALA B 191 1.30 -4.48 -3.52
N LYS B 192 0.05 -4.33 -3.99
CA LYS B 192 -1.09 -4.82 -3.25
C LYS B 192 -1.24 -6.35 -3.26
N ASP B 193 -0.47 -7.03 -4.12
CA ASP B 193 -0.67 -8.45 -4.34
C ASP B 193 0.36 -9.33 -3.69
N ILE B 194 1.08 -8.79 -2.72
CA ILE B 194 2.07 -9.56 -1.96
C ILE B 194 1.91 -9.29 -0.46
N VAL B 195 2.07 -10.35 0.33
CA VAL B 195 2.04 -10.25 1.78
C VAL B 195 3.28 -10.93 2.32
N TYR B 196 4.06 -10.19 3.12
CA TYR B 196 5.20 -10.76 3.89
C TYR B 196 4.80 -11.36 5.24
N ILE B 197 5.40 -12.49 5.61
CA ILE B 197 5.31 -13.04 6.96
C ILE B 197 6.68 -13.49 7.46
N GLY B 198 7.09 -13.02 8.63
CA GLY B 198 8.34 -13.46 9.27
C GLY B 198 9.47 -12.43 9.41
N LEU B 199 9.28 -11.28 8.79
CA LEU B 199 10.33 -10.26 8.73
C LEU B 199 10.98 -9.91 10.07
N ARG B 200 12.30 -9.86 10.10
CA ARG B 200 13.04 -9.46 11.27
C ARG B 200 14.47 -8.94 10.97
N ASP B 201 14.85 -8.84 9.69
CA ASP B 201 16.13 -8.27 9.30
C ASP B 201 15.95 -7.59 7.92
N VAL B 202 15.54 -6.32 7.98
CA VAL B 202 15.12 -5.53 6.82
C VAL B 202 16.08 -4.34 6.75
N ASP B 203 16.79 -4.22 5.63
CA ASP B 203 17.72 -3.10 5.41
C ASP B 203 16.97 -1.77 5.40
N PRO B 204 17.65 -0.66 5.73
CA PRO B 204 17.00 0.66 5.70
C PRO B 204 16.30 1.01 4.38
N GLY B 205 16.97 0.77 3.26
CA GLY B 205 16.41 1.04 1.94
C GLY B 205 15.20 0.19 1.67
N GLU B 206 15.24 -1.05 2.14
CA GLU B 206 14.14 -1.96 1.94
C GLU B 206 12.95 -1.48 2.77
N HIS B 207 13.19 -1.02 3.99
CA HIS B 207 12.16 -0.54 4.88
C HIS B 207 11.49 0.72 4.28
N TYR B 208 12.30 1.60 3.70
CA TYR B 208 11.78 2.75 2.95
C TYR B 208 10.81 2.28 1.84
N ILE B 209 11.24 1.31 1.05
CA ILE B 209 10.42 0.80 -0.06
C ILE B 209 9.13 0.20 0.47
N LEU B 210 9.24 -0.70 1.45
CA LEU B 210 8.11 -1.34 2.07
C LEU B 210 7.01 -0.35 2.54
N LYS B 211 7.42 0.68 3.27
CA LYS B 211 6.50 1.62 3.86
C LYS B 211 5.91 2.51 2.77
N THR B 212 6.77 3.01 1.90
CA THR B 212 6.37 3.92 0.83
C THR B 212 5.34 3.29 -0.11
N LEU B 213 5.55 2.02 -0.47
CA LEU B 213 4.64 1.34 -1.39
C LEU B 213 3.38 0.78 -0.71
N GLY B 214 3.42 0.68 0.61
CA GLY B 214 2.27 0.15 1.37
C GLY B 214 2.07 -1.34 1.19
N ILE B 215 3.18 -2.06 1.02
CA ILE B 215 3.12 -3.52 0.99
C ILE B 215 2.68 -4.05 2.36
N LYS B 216 1.71 -4.94 2.35
CA LYS B 216 1.22 -5.58 3.57
C LYS B 216 2.30 -6.51 4.13
N TYR B 217 2.59 -6.39 5.41
CA TYR B 217 3.56 -7.28 6.05
C TYR B 217 3.18 -7.59 7.49
N PHE B 218 3.58 -8.79 7.88
CA PHE B 218 3.54 -9.24 9.27
C PHE B 218 4.99 -9.58 9.64
N SER B 219 5.67 -8.60 10.22
CA SER B 219 6.98 -8.86 10.80
C SER B 219 6.77 -9.70 12.05
N MET B 220 7.87 -10.21 12.59
CA MET B 220 7.81 -10.96 13.84
C MET B 220 7.06 -10.16 14.93
N THR B 221 7.16 -8.83 14.88
CA THR B 221 6.46 -7.98 15.85
C THR B 221 4.94 -8.16 15.72
N GLU B 222 4.47 -8.19 14.49
CA GLU B 222 3.05 -8.44 14.22
C GLU B 222 2.63 -9.84 14.61
N VAL B 223 3.47 -10.81 14.28
CA VAL B 223 3.20 -12.21 14.67
C VAL B 223 3.06 -12.34 16.19
N ASP B 224 3.98 -11.72 16.90
CA ASP B 224 3.93 -11.67 18.34
C ASP B 224 2.65 -11.01 18.84
N ARG B 225 2.28 -9.89 18.21
CA ARG B 225 1.14 -9.13 18.67
C ARG B 225 -0.13 -9.90 18.49
N LEU B 226 -0.29 -10.45 17.30
CA LEU B 226 -1.53 -11.01 16.87
C LEU B 226 -1.66 -12.50 17.10
N GLY B 227 -0.53 -13.20 17.04
CA GLY B 227 -0.55 -14.66 16.99
C GLY B 227 -0.74 -15.07 15.56
N ILE B 228 -0.18 -16.24 15.22
CA ILE B 228 -0.18 -16.72 13.84
C ILE B 228 -1.58 -17.00 13.30
N GLY B 229 -2.51 -17.32 14.20
CA GLY B 229 -3.92 -17.48 13.83
C GLY B 229 -4.47 -16.24 13.12
N LYS B 230 -4.45 -15.11 13.82
CA LYS B 230 -4.93 -13.84 13.27
C LYS B 230 -4.07 -13.35 12.10
N VAL B 231 -2.77 -13.59 12.17
CA VAL B 231 -1.92 -13.29 11.01
C VAL B 231 -2.46 -13.94 9.74
N MET B 232 -2.71 -15.24 9.77
CA MET B 232 -3.21 -15.92 8.57
C MET B 232 -4.63 -15.51 8.18
N GLU B 233 -5.48 -15.24 9.16
CA GLU B 233 -6.83 -14.75 8.86
C GLU B 233 -6.73 -13.44 8.09
N GLU B 234 -5.92 -12.51 8.60
CA GLU B 234 -5.74 -11.21 7.95
C GLU B 234 -5.00 -11.33 6.61
N THR B 235 -4.02 -12.23 6.53
CA THR B 235 -3.28 -12.44 5.27
C THR B 235 -4.23 -12.88 4.15
N LEU B 236 -5.05 -13.88 4.42
CA LEU B 236 -5.93 -14.44 3.40
C LEU B 236 -7.12 -13.53 3.11
N SER B 237 -7.62 -12.81 4.12
CA SER B 237 -8.68 -11.81 3.91
C SER B 237 -8.23 -10.70 3.01
N TYR B 238 -7.01 -10.25 3.24
CA TYR B 238 -6.41 -9.19 2.45
C TYR B 238 -6.17 -9.65 1.01
N LEU B 239 -5.67 -10.87 0.82
CA LEU B 239 -5.39 -11.37 -0.53
C LEU B 239 -6.62 -11.90 -1.27
N LEU B 240 -7.58 -12.48 -0.54
CA LEU B 240 -8.70 -13.20 -1.17
C LEU B 240 -10.09 -12.63 -0.90
N GLY B 241 -10.16 -11.50 -0.19
CA GLY B 241 -11.45 -10.87 0.14
C GLY B 241 -12.20 -10.37 -1.08
N ARG B 242 -11.50 -9.62 -1.92
CA ARG B 242 -12.05 -9.11 -3.18
C ARG B 242 -12.52 -10.24 -4.09
N LYS B 243 -11.61 -11.17 -4.39
CA LYS B 243 -11.95 -12.32 -5.23
C LYS B 243 -11.00 -13.49 -5.02
N LYS B 244 -11.45 -14.69 -5.39
CA LYS B 244 -10.59 -15.85 -5.35
C LYS B 244 -9.63 -15.75 -6.53
N ARG B 245 -8.37 -16.08 -6.25
CA ARG B 245 -7.33 -16.09 -7.25
C ARG B 245 -6.20 -16.97 -6.75
N PRO B 246 -5.32 -17.40 -7.65
CA PRO B 246 -4.25 -18.33 -7.34
C PRO B 246 -3.26 -17.73 -6.35
N ILE B 247 -2.74 -18.59 -5.49
CA ILE B 247 -1.75 -18.19 -4.51
C ILE B 247 -0.39 -18.78 -4.83
N HIS B 248 0.65 -17.97 -4.69
CA HIS B 248 2.04 -18.40 -4.87
C HIS B 248 2.70 -18.21 -3.51
N LEU B 249 3.10 -19.32 -2.89
CA LEU B 249 3.81 -19.26 -1.60
C LEU B 249 5.30 -19.37 -1.91
N SER B 250 6.09 -18.31 -1.66
CA SER B 250 7.54 -18.44 -1.78
C SER B 250 8.14 -18.53 -0.36
N PHE B 251 8.67 -19.70 -0.01
CA PHE B 251 9.02 -20.00 1.38
C PHE B 251 10.53 -20.06 1.47
N ASP B 252 11.11 -19.06 2.14
CA ASP B 252 12.52 -19.05 2.50
C ASP B 252 12.60 -19.75 3.85
N VAL B 253 13.29 -20.86 3.92
CA VAL B 253 13.46 -21.57 5.19
C VAL B 253 14.03 -20.73 6.33
N ASP B 254 14.80 -19.67 6.05
CA ASP B 254 15.25 -18.76 7.13
C ASP B 254 14.13 -17.91 7.75
N GLY B 255 12.90 -18.05 7.25
CA GLY B 255 11.77 -17.47 7.93
C GLY B 255 11.54 -18.11 9.29
N LEU B 256 11.78 -19.43 9.36
CA LEU B 256 11.76 -20.19 10.59
C LEU B 256 13.03 -19.93 11.41
N ASP B 257 12.86 -19.95 12.73
CA ASP B 257 13.97 -19.77 13.66
C ASP B 257 15.09 -20.79 13.35
N PRO B 258 16.36 -20.36 13.54
CA PRO B 258 17.53 -21.22 13.33
C PRO B 258 17.61 -22.48 14.19
N SER B 259 16.87 -22.52 15.30
CA SER B 259 16.75 -23.80 16.03
C SER B 259 15.97 -24.85 15.24
N PHE B 260 15.23 -24.43 14.21
CA PHE B 260 14.50 -25.39 13.35
C PHE B 260 15.16 -25.58 11.98
N THR B 261 15.65 -24.51 11.37
CA THR B 261 16.22 -24.60 10.01
C THR B 261 17.62 -23.98 10.03
N PRO B 262 18.54 -24.57 10.80
CA PRO B 262 19.89 -23.98 10.90
C PRO B 262 20.72 -23.95 9.62
N ALA B 263 20.51 -24.92 8.72
CA ALA B 263 21.33 -25.11 7.53
C ALA B 263 20.85 -24.24 6.39
N THR B 264 21.26 -22.99 6.44
CA THR B 264 20.72 -21.91 5.58
C THR B 264 21.71 -20.76 5.71
N GLY B 265 21.82 -19.97 4.64
CA GLY B 265 22.89 -18.99 4.50
C GLY B 265 22.83 -17.75 5.36
N THR B 266 21.60 -17.31 5.69
CA THR B 266 21.37 -16.01 6.36
C THR B 266 20.34 -16.18 7.50
N PRO B 267 20.69 -17.00 8.51
CA PRO B 267 19.85 -17.26 9.67
C PRO B 267 19.76 -16.04 10.56
N VAL B 268 18.58 -15.87 11.14
CA VAL B 268 18.29 -14.77 12.01
C VAL B 268 17.50 -15.24 13.19
N VAL B 269 18.00 -14.90 14.38
CA VAL B 269 17.37 -15.35 15.63
C VAL B 269 15.97 -14.78 15.78
N GLY B 270 15.18 -15.43 16.60
CA GLY B 270 13.85 -14.95 16.89
C GLY B 270 12.84 -15.18 15.79
N GLY B 271 12.95 -16.28 15.06
CA GLY B 271 12.04 -16.58 13.97
C GLY B 271 10.77 -17.33 14.29
N LEU B 272 10.05 -17.69 13.23
CA LEU B 272 8.81 -18.46 13.34
C LEU B 272 9.19 -19.81 13.91
N THR B 273 8.32 -20.37 14.72
CA THR B 273 8.48 -21.72 15.20
C THR B 273 8.09 -22.74 14.13
N TYR B 274 8.41 -23.99 14.40
CA TYR B 274 8.02 -25.11 13.58
C TYR B 274 6.50 -25.13 13.48
N ARG B 275 5.87 -25.03 14.65
CA ARG B 275 4.43 -25.00 14.73
C ARG B 275 3.84 -23.89 13.85
N GLU B 276 4.38 -22.67 13.94
CA GLU B 276 3.92 -21.57 13.14
C GLU B 276 4.08 -21.84 11.64
N GLY B 277 5.20 -22.48 11.27
CA GLY B 277 5.47 -22.86 9.88
C GLY B 277 4.36 -23.76 9.34
N LEU B 278 4.05 -24.78 10.11
CA LEU B 278 2.96 -25.71 9.74
C LEU B 278 1.60 -25.02 9.70
N TYR B 279 1.34 -24.13 10.64
CA TYR B 279 0.07 -23.44 10.64
C TYR B 279 -0.14 -22.63 9.35
N ILE B 280 0.90 -21.90 8.95
CA ILE B 280 0.87 -21.05 7.77
C ILE B 280 0.52 -21.90 6.57
N THR B 281 1.19 -23.04 6.45
CA THR B 281 1.06 -23.89 5.25
C THR B 281 -0.23 -24.71 5.29
N GLU B 282 -0.62 -25.17 6.49
CA GLU B 282 -1.96 -25.80 6.66
C GLU B 282 -3.10 -24.87 6.21
N GLU B 283 -3.01 -23.59 6.56
CA GLU B 283 -4.08 -22.62 6.25
C GLU B 283 -4.11 -22.29 4.77
N ILE B 284 -2.92 -22.17 4.20
CA ILE B 284 -2.82 -22.01 2.77
C ILE B 284 -3.37 -23.22 1.99
N TYR B 285 -3.08 -24.43 2.42
CA TYR B 285 -3.66 -25.61 1.78
C TYR B 285 -5.18 -25.52 1.75
N LYS B 286 -5.78 -25.22 2.89
CA LYS B 286 -7.23 -25.27 3.01
C LYS B 286 -7.98 -24.25 2.14
N THR B 287 -7.33 -23.17 1.70
CA THR B 287 -7.94 -22.24 0.73
C THR B 287 -8.35 -22.93 -0.58
N GLY B 288 -7.62 -23.99 -0.94
CA GLY B 288 -7.81 -24.74 -2.18
C GLY B 288 -7.30 -23.98 -3.38
N LEU B 289 -6.45 -22.98 -3.14
CA LEU B 289 -6.03 -22.05 -4.17
C LEU B 289 -4.50 -21.98 -4.30
N LEU B 290 -3.78 -22.82 -3.55
CA LEU B 290 -2.32 -22.89 -3.74
C LEU B 290 -2.04 -23.28 -5.19
N SER B 291 -1.25 -22.46 -5.87
CA SER B 291 -0.98 -22.68 -7.30
C SER B 291 0.51 -22.79 -7.64
N GLY B 292 1.37 -22.17 -6.84
CA GLY B 292 2.81 -22.29 -7.02
C GLY B 292 3.46 -22.30 -5.65
N LEU B 293 4.47 -23.14 -5.48
CA LEU B 293 5.26 -23.17 -4.25
C LEU B 293 6.75 -23.14 -4.52
N ASP B 294 7.47 -22.33 -3.75
CA ASP B 294 8.92 -22.28 -3.73
C ASP B 294 9.40 -22.69 -2.34
N ILE B 295 10.27 -23.70 -2.28
CA ILE B 295 10.97 -24.06 -1.03
C ILE B 295 12.45 -23.75 -1.26
N MET B 296 12.92 -22.71 -0.58
CA MET B 296 14.18 -22.07 -0.93
C MET B 296 15.18 -21.90 0.23
N GLU B 297 16.46 -21.86 -0.15
CA GLU B 297 17.55 -21.49 0.74
C GLU B 297 17.99 -22.59 1.72
N VAL B 298 17.62 -23.85 1.46
CA VAL B 298 18.19 -24.96 2.19
C VAL B 298 19.63 -25.18 1.71
N ASN B 299 20.58 -25.01 2.61
CA ASN B 299 21.98 -25.20 2.28
C ASN B 299 22.60 -26.27 3.21
N PRO B 300 22.59 -27.53 2.77
CA PRO B 300 23.07 -28.61 3.62
C PRO B 300 24.53 -28.46 4.04
N SER B 301 25.35 -27.83 3.19
CA SER B 301 26.76 -27.63 3.52
C SER B 301 27.00 -26.73 4.73
N LEU B 302 25.98 -25.98 5.16
CA LEU B 302 26.11 -25.05 6.29
C LEU B 302 25.55 -25.55 7.63
N GLY B 303 25.08 -26.78 7.70
CA GLY B 303 24.77 -27.37 9.00
C GLY B 303 26.10 -27.55 9.72
N LYS B 304 26.16 -27.23 11.00
CA LYS B 304 27.38 -27.45 11.80
C LYS B 304 27.62 -28.94 12.07
N THR B 305 26.53 -29.71 12.08
CA THR B 305 26.55 -31.14 12.30
C THR B 305 25.62 -31.80 11.28
N PRO B 306 25.75 -33.12 11.07
CA PRO B 306 24.79 -33.79 10.18
C PRO B 306 23.34 -33.71 10.69
N GLU B 307 23.18 -33.67 12.02
CA GLU B 307 21.87 -33.51 12.61
C GLU B 307 21.21 -32.18 12.22
N GLU B 308 21.99 -31.09 12.19
CA GLU B 308 21.42 -29.81 11.76
C GLU B 308 20.93 -29.86 10.32
N VAL B 309 21.58 -30.65 9.49
CA VAL B 309 21.17 -30.80 8.12
C VAL B 309 19.86 -31.57 8.13
N THR B 310 19.82 -32.69 8.83
CA THR B 310 18.60 -33.49 8.82
C THR B 310 17.41 -32.72 9.42
N ARG B 311 17.67 -31.93 10.46
CA ARG B 311 16.64 -31.11 11.10
C ARG B 311 16.05 -30.10 10.10
N THR B 312 16.93 -29.43 9.38
CA THR B 312 16.52 -28.42 8.42
C THR B 312 15.72 -29.06 7.30
N VAL B 313 16.23 -30.19 6.80
CA VAL B 313 15.63 -30.84 5.64
C VAL B 313 14.28 -31.42 6.02
N ASN B 314 14.21 -32.10 7.16
CA ASN B 314 12.95 -32.68 7.62
C ASN B 314 11.89 -31.60 7.89
N THR B 315 12.33 -30.45 8.39
CA THR B 315 11.41 -29.31 8.57
C THR B 315 10.88 -28.83 7.22
N ALA B 316 11.77 -28.65 6.22
CA ALA B 316 11.34 -28.20 4.89
C ALA B 316 10.34 -29.19 4.29
N VAL B 317 10.61 -30.47 4.49
CA VAL B 317 9.72 -31.53 3.97
C VAL B 317 8.35 -31.43 4.64
N ALA B 318 8.33 -31.28 5.95
CA ALA B 318 7.08 -31.18 6.69
C ALA B 318 6.22 -29.99 6.24
N ILE B 319 6.88 -28.86 6.04
CA ILE B 319 6.27 -27.64 5.56
C ILE B 319 5.67 -27.86 4.16
N THR B 320 6.44 -28.53 3.30
CA THR B 320 5.99 -28.86 1.95
C THR B 320 4.73 -29.75 2.02
N LEU B 321 4.77 -30.81 2.82
CA LEU B 321 3.65 -31.76 2.88
C LEU B 321 2.39 -31.12 3.40
N ALA B 322 2.54 -30.16 4.31
CA ALA B 322 1.40 -29.43 4.80
C ALA B 322 0.74 -28.61 3.70
N CYS B 323 1.54 -28.10 2.76
CA CYS B 323 1.02 -27.35 1.63
C CYS B 323 0.10 -28.22 0.76
N PHE B 324 0.32 -29.53 0.80
CA PHE B 324 -0.45 -30.46 -0.02
C PHE B 324 -1.43 -31.29 0.77
N GLY B 325 -1.77 -30.79 1.95
CA GLY B 325 -2.91 -31.30 2.71
C GLY B 325 -2.61 -32.23 3.89
N LEU B 326 -1.35 -32.45 4.23
CA LEU B 326 -1.03 -33.19 5.44
C LEU B 326 -1.41 -32.30 6.62
N ALA B 327 -2.30 -32.81 7.46
CA ALA B 327 -2.89 -32.06 8.56
C ALA B 327 -2.53 -32.67 9.91
N ARG B 328 -2.20 -31.83 10.88
CA ARG B 328 -1.85 -32.35 12.20
C ARG B 328 -3.03 -33.02 12.90
N GLU B 329 -4.27 -32.63 12.58
CA GLU B 329 -5.44 -33.33 13.18
C GLU B 329 -5.56 -34.76 12.63
N GLY B 330 -4.93 -35.00 11.48
CA GLY B 330 -5.02 -36.28 10.79
C GLY B 330 -5.65 -36.18 9.41
N ASN B 331 -5.54 -37.26 8.66
CA ASN B 331 -6.11 -37.37 7.32
C ASN B 331 -6.65 -38.77 7.10
N HIS B 332 -7.70 -38.90 6.29
CA HIS B 332 -8.17 -40.22 5.87
C HIS B 332 -8.66 -40.17 4.43
N LYS B 333 -8.68 -41.32 3.77
CA LYS B 333 -9.17 -41.43 2.39
C LYS B 333 -10.68 -41.63 2.41
N PRO B 334 -11.36 -41.42 1.26
CA PRO B 334 -12.82 -41.57 1.25
C PRO B 334 -13.37 -42.95 1.64
N ILE B 335 -12.52 -43.98 1.72
CA ILE B 335 -12.93 -45.32 2.23
C ILE B 335 -13.44 -45.30 3.68
N ASP B 336 -14.30 -46.27 4.01
CA ASP B 336 -14.78 -46.47 5.39
C ASP B 336 -13.84 -47.43 6.16
N TYR B 337 -13.24 -46.91 7.23
CA TYR B 337 -12.26 -47.67 8.01
C TYR B 337 -12.90 -48.56 9.08
N LEU B 338 -14.14 -48.26 9.46
CA LEU B 338 -14.82 -48.95 10.57
C LEU B 338 -15.51 -50.27 10.18
N ASN B 339 -15.49 -50.63 8.89
CA ASN B 339 -16.00 -51.93 8.46
C ASN B 339 -14.84 -52.90 8.25
#